data_9SG0
#
_entry.id   9SG0
#
_cell.length_a   55.720
_cell.length_b   87.030
_cell.length_c   156.260
_cell.angle_alpha   90.00
_cell.angle_beta   90.00
_cell.angle_gamma   90.00
#
_symmetry.space_group_name_H-M   'C 2 2 21'
#
loop_
_entity.id
_entity.type
_entity.pdbx_description
1 polymer Interleukin-17A
2 polymer 'CJM112 Fv heavy-chain'
3 polymer 'CJM112 Fv light-chain'
4 non-polymer 'SULFATE ION'
#
loop_
_entity_poly.entity_id
_entity_poly.type
_entity_poly.pdbx_seq_one_letter_code
_entity_poly.pdbx_strand_id
1 'polypeptide(L)'
;EFRHDSGITIPRNPGCPNSEDKNFPRTVMVNLNIHNRNTNTNPKRSSDYYNRSTSPWNLHRNEDPERYPSVIWEAKCRHL
GCINADGNVDYHMNSVPIQQEILVLRREPPHCPNSFRLEKILVSVGCTCVTPIVHHVA
;
A
2 'polypeptide(L)'
;EVQLVESGGDLVQPGGSLRLSCAASGFTFSSYWMSWVRQAPGKGLEWVANIKQDGSEKYYVDSVKGRFTISRDNAKNSLY
LQMNSLRAEDTAVYYCARDRGSLYYWGQGTLVTVSSHHHHHH
;
H
3 'polypeptide(L)'
;AIQLTQSPSSLSASVGDRVTITCRPSQGINWELAWYQQKPGKAPKLLIYDASSLEQGVPSRFSGSGSGTDFTLTISSLQP
EDFATYYCQQFNSYPLTFGGGTKVEIKWSHPQFEK
;
L
#
loop_
_chem_comp.id
_chem_comp.type
_chem_comp.name
_chem_comp.formula
SO4 non-polymer 'SULFATE ION' 'O4 S -2'
#
# COMPACT_ATOMS: atom_id res chain seq x y z
N ARG A 26 9.71 -8.35 32.83
CA ARG A 26 8.55 -7.67 32.25
C ARG A 26 8.83 -7.11 30.83
N THR A 27 10.08 -6.64 30.58
CA THR A 27 10.59 -6.11 29.30
C THR A 27 11.90 -6.83 28.91
N VAL A 28 12.20 -6.89 27.59
CA VAL A 28 13.40 -7.56 27.03
C VAL A 28 13.98 -6.84 25.79
N MET A 29 15.33 -6.85 25.64
CA MET A 29 16.02 -6.22 24.49
C MET A 29 16.00 -7.16 23.28
N VAL A 30 15.50 -6.64 22.13
CA VAL A 30 15.32 -7.36 20.86
C VAL A 30 16.02 -6.68 19.66
N ASN A 31 17.02 -7.37 19.06
CA ASN A 31 17.74 -6.92 17.87
C ASN A 31 16.88 -7.27 16.62
N LEU A 32 17.30 -6.93 15.39
CA LEU A 32 16.44 -7.23 14.22
C LEU A 32 17.17 -7.84 13.01
N ASN A 33 16.58 -8.93 12.45
CA ASN A 33 17.06 -9.69 11.28
C ASN A 33 15.88 -10.09 10.37
N SER A 47 2.27 -18.89 -5.22
CA SER A 47 1.34 -20.01 -5.22
C SER A 47 -0.09 -19.57 -5.57
N ASP A 48 -0.74 -20.32 -6.48
CA ASP A 48 -2.10 -20.03 -6.93
C ASP A 48 -3.07 -21.01 -6.24
N TYR A 49 -2.70 -21.45 -5.03
CA TYR A 49 -3.40 -22.44 -4.21
C TYR A 49 -4.85 -22.09 -3.88
N TYR A 50 -5.12 -20.83 -3.55
CA TYR A 50 -6.43 -20.30 -3.21
C TYR A 50 -7.49 -20.62 -4.26
N ASN A 51 -7.13 -20.55 -5.58
CA ASN A 51 -7.99 -20.80 -6.76
C ASN A 51 -8.11 -22.28 -7.12
N ARG A 52 -6.94 -22.97 -7.23
CA ARG A 52 -6.77 -24.40 -7.57
C ARG A 52 -7.32 -25.37 -6.52
N SER A 53 -7.67 -24.87 -5.34
CA SER A 53 -8.18 -25.68 -4.22
C SER A 53 -9.58 -26.17 -4.44
N THR A 54 -9.92 -27.30 -3.78
CA THR A 54 -11.25 -27.94 -3.73
C THR A 54 -12.08 -27.18 -2.69
N SER A 55 -11.38 -26.57 -1.72
CA SER A 55 -11.86 -25.68 -0.69
C SER A 55 -11.21 -24.32 -1.06
N PRO A 56 -11.71 -23.56 -2.05
CA PRO A 56 -11.02 -22.32 -2.41
C PRO A 56 -11.25 -21.23 -1.38
N TRP A 57 -10.34 -20.24 -1.35
CA TRP A 57 -10.42 -19.10 -0.45
C TRP A 57 -10.09 -17.78 -1.11
N ASN A 58 -10.58 -16.72 -0.46
CA ASN A 58 -10.37 -15.33 -0.83
C ASN A 58 -9.35 -14.79 0.19
N LEU A 59 -8.44 -13.94 -0.27
CA LEU A 59 -7.44 -13.29 0.58
C LEU A 59 -7.82 -11.83 0.74
N HIS A 60 -7.96 -11.40 2.01
CA HIS A 60 -8.33 -10.04 2.43
C HIS A 60 -7.12 -9.44 3.13
N ARG A 61 -6.57 -8.36 2.56
CA ARG A 61 -5.42 -7.66 3.10
C ARG A 61 -5.77 -6.98 4.41
N ASN A 62 -4.91 -7.11 5.42
CA ASN A 62 -5.10 -6.47 6.72
C ASN A 62 -3.85 -5.66 7.03
N GLU A 63 -3.98 -4.31 7.05
CA GLU A 63 -2.88 -3.41 7.34
C GLU A 63 -3.02 -2.59 8.63
N ASP A 64 -1.88 -2.43 9.34
CA ASP A 64 -1.67 -1.57 10.51
C ASP A 64 -0.19 -1.17 10.46
N PRO A 65 0.13 0.14 10.25
CA PRO A 65 1.55 0.57 10.23
C PRO A 65 2.22 0.47 11.60
N GLU A 66 1.36 0.42 12.64
CA GLU A 66 1.65 0.30 14.06
C GLU A 66 1.94 -1.18 14.43
N ARG A 67 1.91 -2.10 13.47
CA ARG A 67 2.15 -3.50 13.79
C ARG A 67 3.29 -4.06 12.92
N TYR A 68 3.94 -5.13 13.39
CA TYR A 68 4.99 -5.83 12.67
C TYR A 68 4.65 -7.32 12.78
N PRO A 69 4.33 -8.02 11.66
CA PRO A 69 4.26 -7.53 10.25
C PRO A 69 3.19 -6.45 10.08
N SER A 70 3.39 -5.52 9.20
CA SER A 70 2.41 -4.46 9.05
C SER A 70 1.25 -4.92 8.21
N VAL A 71 1.50 -5.93 7.32
CA VAL A 71 0.55 -6.54 6.38
C VAL A 71 0.41 -8.03 6.57
N ILE A 72 -0.81 -8.45 6.89
CA ILE A 72 -1.19 -9.85 6.96
C ILE A 72 -2.34 -10.09 5.98
N TRP A 73 -2.23 -11.09 5.09
CA TRP A 73 -3.36 -11.44 4.25
C TRP A 73 -4.10 -12.59 4.94
N GLU A 74 -5.42 -12.44 5.10
CA GLU A 74 -6.22 -13.46 5.76
C GLU A 74 -7.10 -14.19 4.78
N ALA A 75 -7.18 -15.52 4.92
CA ALA A 75 -7.98 -16.42 4.09
C ALA A 75 -9.37 -16.57 4.64
N LYS A 76 -10.36 -16.46 3.75
CA LYS A 76 -11.81 -16.56 4.00
C LYS A 76 -12.33 -17.55 2.96
N CYS A 77 -12.91 -18.71 3.41
CA CYS A 77 -13.39 -19.78 2.51
C CYS A 77 -14.45 -19.29 1.58
N ARG A 78 -14.18 -19.46 0.29
CA ARG A 78 -15.05 -19.02 -0.78
C ARG A 78 -16.43 -19.70 -0.66
N HIS A 79 -16.44 -21.04 -0.69
CA HIS A 79 -17.66 -21.86 -0.63
C HIS A 79 -17.91 -22.58 0.72
N LEU A 80 -19.19 -22.97 0.98
CA LEU A 80 -19.52 -23.72 2.20
C LEU A 80 -19.15 -25.20 2.03
N GLY A 81 -19.34 -25.70 0.81
CA GLY A 81 -19.00 -27.08 0.46
C GLY A 81 -17.62 -27.19 -0.16
N CYS A 82 -17.50 -28.06 -1.16
CA CYS A 82 -16.24 -28.31 -1.85
C CYS A 82 -16.45 -28.50 -3.32
N ILE A 83 -15.48 -28.11 -4.10
CA ILE A 83 -15.52 -28.27 -5.54
C ILE A 83 -15.15 -29.70 -5.91
N ASN A 84 -16.00 -30.32 -6.75
CA ASN A 84 -15.81 -31.70 -7.18
C ASN A 84 -15.16 -31.80 -8.57
N ALA A 85 -15.16 -33.03 -9.14
CA ALA A 85 -14.63 -33.35 -10.46
C ALA A 85 -15.33 -32.52 -11.56
N ASP A 86 -16.69 -32.41 -11.48
CA ASP A 86 -17.56 -31.66 -12.40
C ASP A 86 -17.33 -30.12 -12.35
N GLY A 87 -16.89 -29.62 -11.20
CA GLY A 87 -16.60 -28.20 -11.00
C GLY A 87 -17.72 -27.39 -10.36
N ASN A 88 -18.47 -28.03 -9.43
CA ASN A 88 -19.57 -27.40 -8.69
C ASN A 88 -19.46 -27.68 -7.16
N VAL A 89 -20.26 -26.95 -6.34
CA VAL A 89 -20.23 -27.03 -4.86
C VAL A 89 -20.96 -28.29 -4.32
N ASP A 90 -20.17 -29.27 -3.82
CA ASP A 90 -20.61 -30.52 -3.19
C ASP A 90 -20.82 -30.20 -1.73
N TYR A 91 -22.09 -30.19 -1.26
CA TYR A 91 -22.39 -29.81 0.11
C TYR A 91 -22.23 -31.00 1.09
N HIS A 92 -21.74 -32.16 0.61
CA HIS A 92 -21.43 -33.37 1.36
C HIS A 92 -20.14 -33.17 2.18
N MET A 93 -19.26 -32.33 1.65
CA MET A 93 -17.98 -31.92 2.23
C MET A 93 -18.09 -30.49 2.77
N ASN A 94 -17.00 -29.94 3.36
CA ASN A 94 -17.00 -28.60 3.94
C ASN A 94 -15.65 -27.90 3.86
N SER A 95 -15.65 -26.61 3.47
CA SER A 95 -14.41 -25.79 3.45
C SER A 95 -14.18 -25.25 4.85
N VAL A 96 -13.01 -25.53 5.38
CA VAL A 96 -12.67 -25.10 6.72
C VAL A 96 -11.37 -24.32 6.69
N PRO A 97 -11.32 -23.15 7.34
CA PRO A 97 -10.06 -22.42 7.36
C PRO A 97 -9.07 -23.03 8.36
N ILE A 98 -7.78 -23.01 8.01
CA ILE A 98 -6.68 -23.50 8.83
C ILE A 98 -6.09 -22.28 9.49
N GLN A 99 -6.34 -22.16 10.79
CA GLN A 99 -5.89 -21.08 11.69
C GLN A 99 -4.47 -21.33 12.29
N GLN A 100 -3.79 -20.25 12.74
CA GLN A 100 -2.45 -20.29 13.29
C GLN A 100 -2.28 -19.10 14.21
N GLU A 101 -1.83 -19.36 15.47
CA GLU A 101 -1.52 -18.33 16.50
C GLU A 101 -0.08 -17.81 16.14
N ILE A 102 -0.01 -16.52 15.70
CA ILE A 102 1.20 -15.89 15.22
C ILE A 102 1.64 -14.81 16.16
N LEU A 103 2.97 -14.58 16.26
CA LEU A 103 3.50 -13.48 17.09
C LEU A 103 3.56 -12.16 16.28
N VAL A 104 3.07 -11.06 16.89
CA VAL A 104 3.10 -9.71 16.29
C VAL A 104 3.63 -8.69 17.30
N LEU A 105 4.26 -7.62 16.82
CA LEU A 105 4.77 -6.54 17.64
C LEU A 105 3.85 -5.35 17.46
N ARG A 106 3.76 -4.47 18.47
CA ARG A 106 2.91 -3.28 18.38
C ARG A 106 3.50 -2.08 19.10
N ARG A 107 3.33 -0.86 18.54
CA ARG A 107 3.91 0.35 19.13
C ARG A 107 3.21 0.70 20.45
N GLU A 108 3.89 0.37 21.59
CA GLU A 108 3.50 0.54 23.00
C GLU A 108 4.54 1.44 23.72
N PRO A 109 4.22 2.68 24.23
CA PRO A 109 2.94 3.41 24.21
C PRO A 109 2.37 3.60 22.81
N PRO A 110 1.04 3.69 22.62
CA PRO A 110 0.50 3.87 21.27
C PRO A 110 1.14 5.06 20.53
N HIS A 111 1.61 4.78 19.28
CA HIS A 111 2.33 5.63 18.32
C HIS A 111 3.84 5.79 18.67
N CYS A 112 4.31 5.45 19.92
CA CYS A 112 5.74 5.53 20.29
C CYS A 112 6.58 4.64 19.34
N PRO A 113 7.45 5.25 18.46
CA PRO A 113 8.12 4.44 17.42
C PRO A 113 9.29 3.54 17.82
N ASN A 114 9.78 3.66 19.07
CA ASN A 114 10.96 2.94 19.56
C ASN A 114 10.66 1.74 20.47
N SER A 115 9.50 1.73 21.13
CA SER A 115 9.11 0.67 22.06
C SER A 115 7.99 -0.20 21.52
N PHE A 116 7.97 -1.51 21.91
CA PHE A 116 7.01 -2.46 21.39
C PHE A 116 6.47 -3.44 22.40
N ARG A 117 5.28 -4.00 22.11
CA ARG A 117 4.68 -5.04 22.93
C ARG A 117 4.44 -6.25 22.05
N LEU A 118 4.73 -7.43 22.57
CA LEU A 118 4.54 -8.70 21.87
C LEU A 118 3.12 -9.18 22.09
N GLU A 119 2.43 -9.58 21.00
CA GLU A 119 1.05 -10.03 21.00
C GLU A 119 0.86 -11.28 20.16
N LYS A 120 -0.22 -12.02 20.43
CA LYS A 120 -0.55 -13.26 19.74
C LYS A 120 -1.91 -13.13 19.13
N ILE A 121 -1.96 -13.17 17.80
CA ILE A 121 -3.14 -13.08 16.96
C ILE A 121 -3.41 -14.40 16.23
N LEU A 122 -4.70 -14.70 16.03
CA LEU A 122 -5.18 -15.89 15.34
C LEU A 122 -5.61 -15.58 13.89
N VAL A 123 -4.72 -15.88 12.92
CA VAL A 123 -4.82 -15.65 11.46
C VAL A 123 -5.26 -16.96 10.78
N SER A 124 -6.01 -16.89 9.65
CA SER A 124 -6.41 -18.08 8.87
C SER A 124 -5.58 -18.02 7.63
N VAL A 125 -4.77 -19.05 7.41
CA VAL A 125 -3.82 -19.06 6.27
C VAL A 125 -4.44 -19.52 4.93
N GLY A 126 -5.32 -20.51 5.02
CA GLY A 126 -5.95 -21.12 3.87
C GLY A 126 -7.15 -21.90 4.28
N CYS A 127 -7.63 -22.75 3.38
CA CYS A 127 -8.78 -23.60 3.60
C CYS A 127 -8.48 -25.04 3.22
N THR A 128 -9.12 -25.98 3.94
CA THR A 128 -9.04 -27.39 3.58
C THR A 128 -10.46 -27.97 3.47
N CYS A 129 -10.59 -29.13 2.82
CA CYS A 129 -11.88 -29.78 2.63
C CYS A 129 -12.01 -30.97 3.57
N VAL A 130 -13.02 -30.93 4.46
CA VAL A 130 -13.22 -31.97 5.45
C VAL A 130 -14.58 -32.63 5.37
N THR A 131 -14.62 -33.89 5.86
CA THR A 131 -15.82 -34.71 6.02
C THR A 131 -16.35 -34.36 7.39
N PRO A 132 -17.69 -34.19 7.51
CA PRO A 132 -18.30 -33.88 8.82
C PRO A 132 -18.03 -34.91 9.94
N ILE A 133 -18.28 -34.45 11.18
CA ILE A 133 -18.06 -35.24 12.38
C ILE A 133 -19.29 -35.21 13.30
N GLU B 1 -13.16 -8.28 -7.22
CA GLU B 1 -12.10 -7.27 -7.28
C GLU B 1 -12.48 -6.03 -6.49
N VAL B 2 -11.50 -5.45 -5.77
CA VAL B 2 -11.66 -4.19 -5.03
C VAL B 2 -11.60 -3.13 -6.11
N GLN B 3 -12.47 -2.11 -6.06
CA GLN B 3 -12.47 -1.03 -7.06
C GLN B 3 -12.53 0.36 -6.47
N LEU B 4 -11.55 1.20 -6.88
CA LEU B 4 -11.46 2.60 -6.44
C LEU B 4 -11.48 3.51 -7.66
N VAL B 5 -12.55 4.32 -7.76
CA VAL B 5 -12.80 5.18 -8.92
C VAL B 5 -12.86 6.63 -8.53
N GLU B 6 -11.86 7.41 -8.95
CA GLU B 6 -11.86 8.84 -8.66
C GLU B 6 -12.67 9.60 -9.71
N SER B 7 -13.09 10.84 -9.34
CA SER B 7 -13.90 11.80 -10.10
C SER B 7 -13.83 13.16 -9.43
N GLY B 8 -14.32 14.18 -10.14
CA GLY B 8 -14.35 15.55 -9.64
C GLY B 8 -13.28 16.44 -10.24
N GLY B 9 -12.10 15.86 -10.46
CA GLY B 9 -10.95 16.54 -11.05
C GLY B 9 -11.32 17.24 -12.33
N ASP B 10 -10.95 18.56 -12.41
CA ASP B 10 -11.24 19.49 -13.51
C ASP B 10 -10.35 20.74 -13.37
N LEU B 11 -10.35 21.56 -14.43
CA LEU B 11 -9.65 22.83 -14.54
C LEU B 11 -10.41 23.82 -13.69
N VAL B 12 -9.73 24.38 -12.69
CA VAL B 12 -10.28 25.36 -11.75
C VAL B 12 -9.23 26.46 -11.53
N GLN B 13 -9.63 27.76 -11.70
CA GLN B 13 -8.76 28.92 -11.51
C GLN B 13 -8.15 28.96 -10.09
N PRO B 14 -6.95 29.60 -9.85
CA PRO B 14 -6.39 29.63 -8.48
C PRO B 14 -7.30 30.37 -7.51
N GLY B 15 -7.26 29.96 -6.25
CA GLY B 15 -8.14 30.51 -5.22
C GLY B 15 -9.47 29.76 -5.13
N GLY B 16 -9.90 29.15 -6.24
CA GLY B 16 -11.15 28.39 -6.35
C GLY B 16 -11.19 27.12 -5.52
N SER B 17 -12.29 26.36 -5.67
CA SER B 17 -12.54 25.10 -4.96
C SER B 17 -12.99 23.97 -5.92
N LEU B 18 -12.99 22.73 -5.43
CA LEU B 18 -13.37 21.50 -6.15
C LEU B 18 -13.49 20.36 -5.14
N ARG B 19 -14.41 19.39 -5.39
CA ARG B 19 -14.62 18.21 -4.55
C ARG B 19 -14.33 16.93 -5.30
N LEU B 20 -13.30 16.23 -4.82
CA LEU B 20 -12.94 14.93 -5.36
C LEU B 20 -13.85 13.90 -4.76
N SER B 21 -14.00 12.78 -5.46
CA SER B 21 -14.88 11.70 -5.07
C SER B 21 -14.28 10.36 -5.48
N CYS B 22 -13.86 9.57 -4.48
CA CYS B 22 -13.36 8.24 -4.70
C CYS B 22 -14.51 7.28 -4.34
N ALA B 23 -14.97 6.54 -5.35
CA ALA B 23 -16.05 5.57 -5.24
C ALA B 23 -15.49 4.16 -5.04
N ALA B 24 -15.66 3.68 -3.81
CA ALA B 24 -15.21 2.38 -3.37
C ALA B 24 -16.29 1.34 -3.57
N SER B 25 -15.83 0.11 -3.86
CA SER B 25 -16.63 -1.09 -4.11
C SER B 25 -15.69 -2.30 -3.99
N GLY B 26 -16.26 -3.46 -3.64
CA GLY B 26 -15.51 -4.72 -3.52
C GLY B 26 -14.96 -5.07 -2.15
N PHE B 27 -15.46 -4.37 -1.10
CA PHE B 27 -15.01 -4.48 0.28
C PHE B 27 -15.88 -3.69 1.26
N THR B 28 -15.80 -4.04 2.55
CA THR B 28 -16.50 -3.38 3.65
C THR B 28 -15.77 -2.05 3.89
N PHE B 29 -16.05 -1.06 3.00
CA PHE B 29 -15.51 0.30 2.99
C PHE B 29 -15.41 0.91 4.39
N SER B 30 -16.42 0.62 5.22
CA SER B 30 -16.58 1.06 6.60
C SER B 30 -15.49 0.54 7.57
N SER B 31 -14.87 -0.63 7.27
CA SER B 31 -13.86 -1.29 8.12
C SER B 31 -12.40 -0.84 7.91
N TYR B 32 -12.06 -0.35 6.68
CA TYR B 32 -10.71 0.08 6.26
C TYR B 32 -10.48 1.60 6.24
N TRP B 33 -9.21 2.02 6.46
CA TRP B 33 -8.76 3.42 6.41
C TRP B 33 -8.55 3.80 4.95
N MET B 34 -8.67 5.10 4.59
CA MET B 34 -8.44 5.47 3.20
C MET B 34 -7.37 6.54 3.11
N SER B 35 -6.89 6.86 1.90
CA SER B 35 -5.82 7.83 1.68
C SER B 35 -5.97 8.60 0.35
N TRP B 36 -5.14 9.64 0.17
CA TRP B 36 -5.00 10.43 -1.06
C TRP B 36 -3.54 10.75 -1.13
N VAL B 37 -2.95 10.42 -2.27
CA VAL B 37 -1.55 10.62 -2.66
C VAL B 37 -1.69 11.35 -3.96
N ARG B 38 -0.78 12.29 -4.24
CA ARG B 38 -0.78 13.06 -5.48
C ARG B 38 0.50 12.89 -6.26
N GLN B 39 0.42 13.12 -7.59
CA GLN B 39 1.55 13.08 -8.50
C GLN B 39 1.46 14.29 -9.37
N ALA B 40 2.35 15.28 -9.15
CA ALA B 40 2.38 16.49 -9.95
C ALA B 40 2.99 16.17 -11.31
N PRO B 41 2.56 16.86 -12.40
CA PRO B 41 3.12 16.59 -13.75
C PRO B 41 4.63 16.41 -13.85
N GLY B 42 5.05 15.17 -14.11
CA GLY B 42 6.44 14.77 -14.28
C GLY B 42 7.23 14.67 -12.99
N LYS B 43 6.51 14.67 -11.86
CA LYS B 43 7.10 14.63 -10.54
C LYS B 43 6.80 13.33 -9.74
N GLY B 44 7.43 13.21 -8.57
CA GLY B 44 7.30 12.05 -7.70
C GLY B 44 5.99 11.98 -6.96
N LEU B 45 5.83 10.95 -6.12
CA LEU B 45 4.60 10.85 -5.34
C LEU B 45 4.71 11.74 -4.08
N GLU B 46 3.57 12.24 -3.62
CA GLU B 46 3.51 13.07 -2.42
C GLU B 46 2.30 12.64 -1.62
N TRP B 47 2.51 12.08 -0.41
CA TRP B 47 1.40 11.69 0.46
C TRP B 47 0.67 12.96 0.91
N VAL B 48 -0.67 12.92 0.85
CA VAL B 48 -1.53 14.08 1.07
C VAL B 48 -2.40 14.00 2.34
N ALA B 49 -3.28 12.97 2.46
CA ALA B 49 -4.20 12.79 3.57
C ALA B 49 -4.65 11.34 3.74
N ASN B 50 -5.06 10.97 4.96
CA ASN B 50 -5.64 9.68 5.29
C ASN B 50 -6.73 9.91 6.33
N ILE B 51 -7.72 9.01 6.38
CA ILE B 51 -8.89 9.12 7.29
C ILE B 51 -9.26 7.76 7.92
N LYS B 52 -9.51 7.75 9.25
CA LYS B 52 -9.87 6.55 10.03
C LYS B 52 -11.23 6.00 9.67
N GLN B 53 -11.33 4.65 9.69
CA GLN B 53 -12.47 3.74 9.47
C GLN B 53 -13.87 4.42 9.55
N ASP B 54 -14.14 5.12 10.68
CA ASP B 54 -15.36 5.85 10.99
C ASP B 54 -15.31 7.31 10.53
N GLY B 55 -14.18 7.97 10.82
CA GLY B 55 -13.92 9.37 10.48
C GLY B 55 -13.47 10.21 11.66
N SER B 56 -13.04 9.55 12.77
CA SER B 56 -12.61 10.22 14.02
C SER B 56 -11.19 10.85 13.95
N GLU B 57 -10.26 10.16 13.30
CA GLU B 57 -8.89 10.65 13.14
C GLU B 57 -8.63 10.93 11.66
N LYS B 58 -7.83 11.97 11.40
CA LYS B 58 -7.41 12.42 10.07
C LYS B 58 -5.99 13.00 10.20
N TYR B 59 -5.11 12.72 9.21
CA TYR B 59 -3.72 13.21 9.17
C TYR B 59 -3.39 13.81 7.79
N TYR B 60 -2.49 14.82 7.74
CA TYR B 60 -2.12 15.55 6.52
C TYR B 60 -0.63 15.83 6.42
N VAL B 61 -0.21 16.30 5.23
CA VAL B 61 1.12 16.85 4.97
C VAL B 61 0.85 18.36 5.24
N ASP B 62 1.82 19.12 5.79
CA ASP B 62 1.63 20.53 6.19
C ASP B 62 1.32 21.51 5.02
N SER B 63 1.69 21.12 3.78
CA SER B 63 1.44 21.89 2.56
C SER B 63 -0.05 21.96 2.18
N VAL B 64 -0.92 21.21 2.89
CA VAL B 64 -2.37 21.17 2.65
C VAL B 64 -3.19 21.28 3.94
N LYS B 65 -2.50 21.39 5.11
CA LYS B 65 -3.12 21.53 6.44
C LYS B 65 -3.88 22.85 6.50
N GLY B 66 -5.19 22.75 6.75
CA GLY B 66 -6.08 23.92 6.83
C GLY B 66 -6.74 24.32 5.53
N ARG B 67 -6.15 23.91 4.38
CA ARG B 67 -6.67 24.20 3.04
C ARG B 67 -7.54 23.05 2.53
N PHE B 68 -7.06 21.80 2.71
CA PHE B 68 -7.77 20.59 2.24
C PHE B 68 -8.61 19.94 3.35
N THR B 69 -9.72 19.29 2.94
CA THR B 69 -10.68 18.65 3.85
C THR B 69 -11.11 17.27 3.33
N ILE B 70 -10.62 16.20 4.01
CA ILE B 70 -10.89 14.78 3.77
C ILE B 70 -12.15 14.35 4.55
N SER B 71 -12.99 13.50 3.93
CA SER B 71 -14.25 13.04 4.51
C SER B 71 -14.70 11.72 3.92
N ARG B 72 -15.64 11.07 4.61
CA ARG B 72 -16.17 9.79 4.16
C ARG B 72 -17.65 9.65 4.48
N ASP B 73 -18.33 8.92 3.58
CA ASP B 73 -19.74 8.57 3.62
C ASP B 73 -19.78 7.05 3.47
N ASN B 74 -19.57 6.35 4.60
CA ASN B 74 -19.52 4.87 4.70
C ASN B 74 -20.78 4.16 4.21
N ALA B 75 -21.93 4.87 4.23
CA ALA B 75 -23.20 4.36 3.74
C ALA B 75 -23.21 4.44 2.20
N LYS B 76 -22.61 5.51 1.63
CA LYS B 76 -22.54 5.75 0.18
C LYS B 76 -21.40 5.00 -0.54
N ASN B 77 -20.27 4.68 0.18
CA ASN B 77 -19.04 4.02 -0.29
C ASN B 77 -18.21 5.03 -1.06
N SER B 78 -17.95 6.15 -0.40
CA SER B 78 -17.31 7.31 -0.97
C SER B 78 -16.35 7.99 -0.03
N LEU B 79 -15.22 8.41 -0.60
CA LEU B 79 -14.15 9.15 0.05
C LEU B 79 -14.13 10.46 -0.68
N TYR B 80 -13.89 11.56 0.03
CA TYR B 80 -13.90 12.85 -0.67
C TYR B 80 -12.60 13.63 -0.47
N LEU B 81 -12.48 14.77 -1.19
CA LEU B 81 -11.40 15.73 -1.03
C LEU B 81 -11.87 17.12 -1.40
N GLN B 82 -12.34 17.86 -0.38
CA GLN B 82 -12.78 19.23 -0.59
C GLN B 82 -11.55 20.09 -0.39
N MET B 83 -10.98 20.51 -1.51
CA MET B 83 -9.83 21.39 -1.58
C MET B 83 -10.34 22.83 -1.79
N ASN B 84 -9.64 23.83 -1.22
CA ASN B 84 -9.98 25.25 -1.29
C ASN B 84 -8.69 26.07 -1.54
N SER B 85 -8.83 27.39 -1.88
CA SER B 85 -7.72 28.32 -2.18
C SER B 85 -6.56 27.60 -2.91
N LEU B 86 -6.94 26.93 -4.04
CA LEU B 86 -6.10 26.10 -4.91
C LEU B 86 -4.94 26.87 -5.55
N ARG B 87 -3.72 26.33 -5.41
CA ARG B 87 -2.45 26.90 -5.86
C ARG B 87 -1.92 26.15 -7.08
N ALA B 88 -0.78 26.61 -7.63
CA ALA B 88 -0.12 26.02 -8.80
C ALA B 88 0.41 24.64 -8.48
N GLU B 89 0.97 24.49 -7.27
CA GLU B 89 1.54 23.26 -6.68
C GLU B 89 0.48 22.17 -6.52
N ASP B 90 -0.79 22.58 -6.44
CA ASP B 90 -1.96 21.72 -6.27
C ASP B 90 -2.44 21.02 -7.58
N THR B 91 -1.77 21.27 -8.72
CA THR B 91 -2.08 20.67 -10.03
C THR B 91 -1.31 19.38 -10.06
N ALA B 92 -2.04 18.29 -9.92
CA ALA B 92 -1.54 16.93 -9.82
C ALA B 92 -2.66 15.96 -10.15
N VAL B 93 -2.31 14.66 -10.22
CA VAL B 93 -3.20 13.52 -10.36
C VAL B 93 -3.40 13.04 -8.95
N TYR B 94 -4.64 13.03 -8.52
CA TYR B 94 -5.03 12.60 -7.19
C TYR B 94 -5.54 11.19 -7.23
N TYR B 95 -4.75 10.33 -6.62
CA TYR B 95 -5.02 8.91 -6.43
C TYR B 95 -5.57 8.71 -5.05
N CYS B 96 -6.64 7.92 -4.92
CA CYS B 96 -7.10 7.47 -3.60
C CYS B 96 -6.61 6.03 -3.48
N ALA B 97 -6.28 5.60 -2.26
CA ALA B 97 -5.83 4.25 -1.96
C ALA B 97 -6.41 3.77 -0.63
N ARG B 98 -6.61 2.46 -0.51
CA ARG B 98 -7.06 1.88 0.70
C ARG B 98 -5.83 1.62 1.59
N ASP B 99 -6.06 1.61 2.94
CA ASP B 99 -5.13 1.40 4.08
C ASP B 99 -4.28 2.64 4.33
N ARG B 100 -3.45 2.65 5.38
CA ARG B 100 -2.72 3.86 5.73
C ARG B 100 -1.23 3.85 5.41
N GLY B 101 -0.50 2.82 5.82
CA GLY B 101 0.96 2.80 5.68
C GLY B 101 1.59 2.33 4.39
N SER B 102 1.09 1.22 3.85
CA SER B 102 1.54 0.55 2.63
C SER B 102 0.29 0.40 1.83
N LEU B 103 0.24 1.05 0.67
CA LEU B 103 -0.94 1.10 -0.15
C LEU B 103 -0.85 0.11 -1.28
N TYR B 104 -1.80 -0.85 -1.33
CA TYR B 104 -1.84 -1.90 -2.35
C TYR B 104 -2.97 -1.64 -3.33
N TYR B 105 -4.10 -1.19 -2.79
CA TYR B 105 -5.30 -0.90 -3.55
C TYR B 105 -5.32 0.58 -3.90
N TRP B 106 -5.10 0.90 -5.21
CA TRP B 106 -5.04 2.25 -5.79
C TRP B 106 -6.08 2.46 -6.86
N GLY B 107 -6.57 3.69 -6.96
CA GLY B 107 -7.49 4.12 -8.00
C GLY B 107 -6.70 4.54 -9.23
N GLN B 108 -7.37 4.89 -10.32
CA GLN B 108 -6.67 5.22 -11.56
C GLN B 108 -6.13 6.64 -11.57
N GLY B 109 -6.72 7.48 -10.74
CA GLY B 109 -6.32 8.87 -10.60
C GLY B 109 -7.29 9.81 -11.28
N THR B 110 -7.29 11.08 -10.81
CA THR B 110 -8.09 12.19 -11.33
C THR B 110 -7.23 13.46 -11.46
N LEU B 111 -7.16 14.04 -12.66
CA LEU B 111 -6.36 15.26 -12.80
C LEU B 111 -7.11 16.51 -12.38
N VAL B 112 -6.51 17.21 -11.44
CA VAL B 112 -7.01 18.48 -11.00
C VAL B 112 -6.08 19.48 -11.67
N THR B 113 -6.63 20.36 -12.52
CA THR B 113 -5.84 21.41 -13.18
C THR B 113 -6.18 22.71 -12.50
N VAL B 114 -5.15 23.51 -12.12
CA VAL B 114 -5.27 24.82 -11.48
C VAL B 114 -4.27 25.78 -12.16
N SER B 115 -4.76 26.64 -13.08
CA SER B 115 -3.91 27.61 -13.82
C SER B 115 -4.69 28.86 -14.26
N SER B 116 -4.06 29.72 -15.11
CA SER B 116 -4.65 30.95 -15.63
C SER B 116 -5.65 30.63 -16.73
N ALA C 1 9.64 16.75 8.59
CA ALA C 1 9.24 15.34 8.40
C ALA C 1 10.46 14.44 8.22
N ILE C 2 10.23 13.12 7.98
CA ILE C 2 11.29 12.15 7.70
C ILE C 2 11.51 12.21 6.19
N GLN C 3 12.63 12.79 5.75
CA GLN C 3 12.87 12.94 4.31
C GLN C 3 13.58 11.73 3.71
N LEU C 4 13.05 11.24 2.59
CA LEU C 4 13.66 10.07 1.94
C LEU C 4 14.45 10.45 0.74
N THR C 5 15.75 10.10 0.82
CA THR C 5 16.80 10.35 -0.18
C THR C 5 16.98 9.06 -0.98
N GLN C 6 16.61 9.08 -2.26
CA GLN C 6 16.72 7.91 -3.11
C GLN C 6 17.92 8.00 -4.03
N SER C 7 18.62 6.86 -4.24
CA SER C 7 19.87 6.83 -5.00
C SER C 7 20.01 5.67 -6.01
N PRO C 8 20.28 5.98 -7.32
CA PRO C 8 20.34 7.33 -7.93
C PRO C 8 18.92 7.84 -8.26
N SER C 9 18.80 8.96 -8.95
CA SER C 9 17.50 9.50 -9.32
C SER C 9 17.10 8.92 -10.70
N SER C 10 18.11 8.39 -11.41
CA SER C 10 18.00 7.76 -12.72
C SER C 10 19.17 6.81 -12.93
N LEU C 11 18.94 5.72 -13.68
CA LEU C 11 19.96 4.74 -14.03
C LEU C 11 19.63 3.93 -15.28
N SER C 12 20.63 3.71 -16.15
CA SER C 12 20.49 2.90 -17.36
C SER C 12 20.94 1.48 -17.04
N ALA C 13 20.24 0.48 -17.59
CA ALA C 13 20.53 -0.94 -17.39
C ALA C 13 19.96 -1.77 -18.55
N SER C 14 20.43 -3.03 -18.73
CA SER C 14 19.98 -3.96 -19.79
C SER C 14 19.27 -5.22 -19.21
N VAL C 15 18.50 -5.97 -20.05
CA VAL C 15 17.74 -7.16 -19.63
C VAL C 15 18.67 -8.29 -19.14
N GLY C 16 18.49 -8.64 -17.86
CA GLY C 16 19.27 -9.66 -17.15
C GLY C 16 20.16 -9.11 -16.05
N ASP C 17 20.34 -7.77 -16.01
CA ASP C 17 21.19 -7.05 -15.04
C ASP C 17 20.72 -7.12 -13.59
N ARG C 18 21.59 -6.71 -12.66
CA ARG C 18 21.24 -6.64 -11.25
C ARG C 18 21.21 -5.20 -10.78
N VAL C 19 20.00 -4.64 -10.69
CA VAL C 19 19.76 -3.26 -10.26
C VAL C 19 19.67 -3.23 -8.72
N THR C 20 20.39 -2.28 -8.09
CA THR C 20 20.43 -2.07 -6.64
C THR C 20 20.18 -0.58 -6.39
N ILE C 21 18.96 -0.26 -5.98
CA ILE C 21 18.47 1.08 -5.65
C ILE C 21 18.55 1.17 -4.14
N THR C 22 18.99 2.32 -3.64
CA THR C 22 19.15 2.59 -2.22
C THR C 22 18.23 3.71 -1.76
N CYS C 23 17.62 3.52 -0.59
CA CYS C 23 16.80 4.52 0.07
C CYS C 23 17.40 4.79 1.44
N ARG C 24 17.66 6.06 1.72
CA ARG C 24 18.27 6.47 2.98
C ARG C 24 17.41 7.56 3.69
N PRO C 25 16.65 7.22 4.76
CA PRO C 25 15.85 8.27 5.45
C PRO C 25 16.71 9.28 6.21
N SER C 26 16.20 10.52 6.34
CA SER C 26 16.83 11.63 7.05
C SER C 26 17.23 11.25 8.48
N GLN C 27 16.28 10.58 9.22
CA GLN C 27 16.45 10.05 10.57
C GLN C 27 16.41 8.50 10.56
N GLY C 28 16.32 7.91 11.74
CA GLY C 28 16.30 6.47 11.92
C GLY C 28 14.92 5.86 11.94
N ILE C 29 14.75 4.79 11.16
CA ILE C 29 13.52 4.00 11.04
C ILE C 29 13.82 2.50 11.33
N ASN C 30 12.88 1.76 11.92
CA ASN C 30 13.12 0.36 12.22
C ASN C 30 13.01 -0.50 10.90
N TRP C 31 11.78 -0.76 10.44
CA TRP C 31 11.49 -1.56 9.25
C TRP C 31 10.42 -0.87 8.41
N GLU C 32 9.87 0.23 8.92
CA GLU C 32 8.71 0.96 8.42
C GLU C 32 8.92 1.63 7.07
N LEU C 33 9.37 0.85 6.06
CA LEU C 33 9.63 1.27 4.68
C LEU C 33 8.94 0.33 3.71
N ALA C 34 8.48 0.91 2.56
CA ALA C 34 7.78 0.31 1.43
C ALA C 34 8.40 0.74 0.08
N TRP C 35 8.34 -0.16 -0.91
CA TRP C 35 8.83 0.08 -2.28
C TRP C 35 7.70 -0.11 -3.24
N TYR C 36 7.70 0.72 -4.30
CA TYR C 36 6.71 0.64 -5.39
C TYR C 36 7.36 0.64 -6.78
N GLN C 37 6.58 0.28 -7.79
CA GLN C 37 6.94 0.29 -9.21
C GLN C 37 5.86 1.14 -9.85
N GLN C 38 6.22 2.06 -10.76
CA GLN C 38 5.24 2.87 -11.50
C GLN C 38 5.60 2.90 -12.97
N LYS C 39 4.67 2.47 -13.80
CA LYS C 39 4.87 2.48 -15.24
C LYS C 39 3.99 3.61 -15.81
N PRO C 40 4.44 4.26 -16.95
CA PRO C 40 3.67 5.38 -17.50
C PRO C 40 2.20 5.06 -17.72
N GLY C 41 1.40 5.97 -17.17
CA GLY C 41 -0.05 5.98 -17.25
C GLY C 41 -0.69 5.00 -16.31
N LYS C 42 0.04 4.56 -15.30
CA LYS C 42 -0.55 3.62 -14.37
C LYS C 42 -0.31 4.10 -12.94
N ALA C 43 -1.16 3.64 -12.00
CA ALA C 43 -1.05 3.93 -10.58
C ALA C 43 0.12 3.10 -10.09
N PRO C 44 0.80 3.47 -8.98
CA PRO C 44 1.95 2.64 -8.54
C PRO C 44 1.56 1.28 -8.03
N LYS C 45 2.43 0.25 -8.23
CA LYS C 45 2.20 -1.09 -7.66
C LYS C 45 3.13 -1.24 -6.45
N LEU C 46 2.58 -1.79 -5.35
CA LEU C 46 3.33 -2.05 -4.11
C LEU C 46 4.11 -3.34 -4.26
N LEU C 47 5.41 -3.25 -4.05
CA LEU C 47 6.30 -4.38 -4.24
C LEU C 47 6.70 -5.14 -2.99
N ILE C 48 7.24 -4.41 -2.02
CA ILE C 48 7.83 -4.85 -0.76
C ILE C 48 7.25 -3.97 0.37
N TYR C 49 6.89 -4.59 1.50
CA TYR C 49 6.46 -3.93 2.72
C TYR C 49 7.40 -4.37 3.83
N ASP C 50 7.43 -3.61 4.93
CA ASP C 50 8.29 -3.86 6.08
C ASP C 50 9.75 -4.03 5.64
N ALA C 51 10.16 -3.18 4.67
CA ALA C 51 11.50 -3.07 4.08
C ALA C 51 12.00 -4.31 3.31
N SER C 52 11.65 -5.54 3.75
CA SER C 52 12.09 -6.83 3.22
C SER C 52 10.99 -7.81 2.67
N SER C 53 9.70 -7.66 3.07
CA SER C 53 8.62 -8.60 2.72
C SER C 53 7.95 -8.34 1.39
N LEU C 54 7.99 -9.36 0.53
CA LEU C 54 7.42 -9.38 -0.80
C LEU C 54 5.90 -9.40 -0.71
N GLU C 55 5.25 -8.55 -1.51
CA GLU C 55 3.80 -8.46 -1.51
C GLU C 55 3.18 -9.60 -2.34
N GLN C 56 1.87 -9.77 -2.23
CA GLN C 56 1.09 -10.73 -2.95
C GLN C 56 1.25 -10.51 -4.48
N GLY C 57 1.65 -11.55 -5.19
CA GLY C 57 1.80 -11.46 -6.64
C GLY C 57 3.16 -11.08 -7.16
N VAL C 58 3.89 -10.19 -6.44
CA VAL C 58 5.25 -9.70 -6.77
C VAL C 58 6.25 -10.85 -7.02
N PRO C 59 7.00 -10.87 -8.16
CA PRO C 59 7.88 -12.01 -8.41
C PRO C 59 9.15 -12.05 -7.61
N SER C 60 9.59 -13.28 -7.36
CA SER C 60 10.76 -13.73 -6.62
C SER C 60 12.04 -12.92 -6.91
N ARG C 61 12.19 -12.42 -8.16
CA ARG C 61 13.33 -11.63 -8.65
C ARG C 61 13.42 -10.25 -7.99
N PHE C 62 12.70 -10.06 -6.86
CA PHE C 62 12.65 -8.85 -6.05
C PHE C 62 13.02 -9.15 -4.57
N SER C 63 13.93 -8.32 -4.05
CA SER C 63 14.43 -8.36 -2.69
C SER C 63 14.36 -6.94 -2.13
N GLY C 64 14.13 -6.86 -0.86
CA GLY C 64 14.11 -5.62 -0.12
C GLY C 64 14.96 -5.90 1.09
N SER C 65 15.73 -4.92 1.56
CA SER C 65 16.58 -5.16 2.72
C SER C 65 16.97 -3.87 3.46
N GLY C 66 17.89 -4.05 4.42
CA GLY C 66 18.47 -3.02 5.26
C GLY C 66 17.64 -2.59 6.45
N SER C 67 18.29 -1.92 7.41
CA SER C 67 17.59 -1.35 8.57
C SER C 67 18.17 0.01 8.96
N GLY C 68 17.38 0.78 9.72
CA GLY C 68 17.77 2.08 10.23
C GLY C 68 17.87 3.23 9.24
N THR C 69 18.98 3.27 8.48
CA THR C 69 19.29 4.32 7.50
C THR C 69 19.76 3.78 6.13
N ASP C 70 19.85 2.44 5.95
CA ASP C 70 20.24 1.90 4.65
C ASP C 70 19.27 0.83 4.17
N PHE C 71 18.48 1.16 3.14
CA PHE C 71 17.48 0.27 2.55
C PHE C 71 17.77 -0.01 1.10
N THR C 72 17.59 -1.27 0.69
CA THR C 72 17.96 -1.71 -0.64
C THR C 72 16.87 -2.45 -1.38
N LEU C 73 16.55 -1.99 -2.57
CA LEU C 73 15.64 -2.67 -3.45
C LEU C 73 16.51 -3.30 -4.53
N THR C 74 16.37 -4.62 -4.75
CA THR C 74 17.20 -5.34 -5.70
C THR C 74 16.44 -6.21 -6.70
N ILE C 75 16.69 -5.98 -8.01
CA ILE C 75 16.18 -6.82 -9.08
C ILE C 75 17.39 -7.60 -9.54
N SER C 76 17.43 -8.89 -9.21
CA SER C 76 18.52 -9.83 -9.50
C SER C 76 18.76 -10.04 -11.00
N SER C 77 17.69 -10.38 -11.74
CA SER C 77 17.71 -10.57 -13.18
C SER C 77 16.62 -9.70 -13.75
N LEU C 78 17.01 -8.59 -14.38
CA LEU C 78 16.12 -7.60 -14.98
C LEU C 78 15.36 -8.17 -16.16
N GLN C 79 14.09 -7.80 -16.24
CA GLN C 79 13.18 -8.25 -17.28
C GLN C 79 12.69 -7.04 -18.07
N PRO C 80 12.23 -7.20 -19.34
CA PRO C 80 11.73 -6.03 -20.07
C PRO C 80 10.56 -5.37 -19.31
N GLU C 81 9.69 -6.23 -18.78
CA GLU C 81 8.52 -5.90 -17.98
C GLU C 81 8.92 -5.31 -16.61
N ASP C 82 10.19 -4.84 -16.44
CA ASP C 82 10.65 -4.27 -15.17
C ASP C 82 11.20 -2.83 -15.27
N PHE C 83 11.20 -2.22 -16.48
CA PHE C 83 11.67 -0.84 -16.68
C PHE C 83 10.56 0.10 -16.29
N ALA C 84 10.77 0.82 -15.19
CA ALA C 84 9.78 1.71 -14.57
C ALA C 84 10.48 2.64 -13.61
N THR C 85 9.70 3.45 -12.89
CA THR C 85 10.21 4.31 -11.83
C THR C 85 9.86 3.60 -10.53
N TYR C 86 10.85 3.50 -9.59
CA TYR C 86 10.73 2.86 -8.30
C TYR C 86 10.77 3.86 -7.17
N TYR C 87 9.73 3.87 -6.34
CA TYR C 87 9.61 4.76 -5.18
C TYR C 87 9.80 3.99 -3.89
N CYS C 88 10.37 4.65 -2.86
CA CYS C 88 10.53 4.13 -1.49
C CYS C 88 9.72 5.10 -0.61
N GLN C 89 9.03 4.61 0.39
CA GLN C 89 8.19 5.41 1.26
C GLN C 89 8.29 4.89 2.72
N GLN C 90 8.43 5.82 3.71
CA GLN C 90 8.45 5.48 5.14
C GLN C 90 7.02 5.56 5.69
N PHE C 91 6.75 4.77 6.74
CA PHE C 91 5.49 4.76 7.47
C PHE C 91 5.80 4.67 8.97
N ASN C 92 6.93 5.32 9.34
CA ASN C 92 7.49 5.42 10.69
C ASN C 92 6.75 6.48 11.50
N SER C 93 6.44 7.61 10.85
CA SER C 93 5.74 8.73 11.47
C SER C 93 5.10 9.64 10.43
N TYR C 94 4.06 10.37 10.85
CA TYR C 94 3.41 11.35 10.00
C TYR C 94 4.29 12.62 9.99
N PRO C 95 4.41 13.30 8.85
CA PRO C 95 3.76 13.00 7.57
C PRO C 95 4.50 11.87 6.87
N LEU C 96 3.71 10.93 6.29
CA LEU C 96 4.22 9.82 5.48
C LEU C 96 4.88 10.46 4.23
N THR C 97 6.09 10.04 3.88
CA THR C 97 6.80 10.64 2.76
C THR C 97 7.22 9.62 1.72
N PHE C 98 7.46 10.08 0.47
CA PHE C 98 7.95 9.23 -0.62
C PHE C 98 9.30 9.70 -1.01
N GLY C 99 10.12 8.79 -1.51
CA GLY C 99 11.43 9.11 -2.08
C GLY C 99 11.19 9.80 -3.41
N GLY C 100 12.24 10.34 -3.99
CA GLY C 100 12.11 11.06 -5.26
C GLY C 100 11.87 10.21 -6.50
N GLY C 101 12.08 8.90 -6.33
CA GLY C 101 11.99 7.90 -7.39
C GLY C 101 13.33 7.63 -8.05
N THR C 102 13.44 6.44 -8.68
CA THR C 102 14.61 6.00 -9.45
C THR C 102 14.14 5.42 -10.77
N LYS C 103 14.59 6.04 -11.88
CA LYS C 103 14.25 5.57 -13.21
C LYS C 103 15.18 4.42 -13.59
N VAL C 104 14.60 3.22 -13.78
CA VAL C 104 15.30 2.04 -14.27
C VAL C 104 14.95 2.08 -15.74
N GLU C 105 15.80 2.82 -16.48
CA GLU C 105 15.72 3.09 -17.92
C GLU C 105 16.43 1.98 -18.70
N ILE C 106 16.33 2.03 -20.03
CA ILE C 106 17.00 1.10 -20.93
C ILE C 106 18.31 1.75 -21.39
N LYS C 107 19.41 0.98 -21.34
CA LYS C 107 20.73 1.39 -21.82
C LYS C 107 20.74 0.88 -23.25
N TRP C 108 20.81 1.81 -24.22
CA TRP C 108 20.79 1.43 -25.64
C TRP C 108 22.17 0.95 -26.11
N SER C 109 22.21 0.18 -27.22
CA SER C 109 23.42 -0.39 -27.80
C SER C 109 23.73 0.18 -29.18
S SO4 D . -14.07 -7.48 3.19
O1 SO4 D . -12.90 -7.46 2.32
O2 SO4 D . -15.31 -7.53 2.38
O3 SO4 D . -13.98 -8.65 4.05
O4 SO4 D . -14.07 -6.27 4.03
#